data_9GBM
#
_entry.id   9GBM
#
_cell.length_a   55.886
_cell.length_b   84.131
_cell.length_c   132.664
_cell.angle_alpha   90
_cell.angle_beta   90
_cell.angle_gamma   90
#
_symmetry.space_group_name_H-M   'P 21 21 21'
#
loop_
_entity.id
_entity.type
_entity.pdbx_description
1 polymer 'Angiotensin-converting enzyme'
2 branched beta-D-mannopyranose-(1-4)-2-acetamido-2-deoxy-beta-D-glucopyranose-(1-4)-[alpha-L-fucopyranose-(1-6)]2-acetamido-2-deoxy-beta-D-glucopyranose
3 non-polymer 'ZINC ION'
4 non-polymer DI(HYDROXYETHYL)ETHER
5 non-polymer 1,2-ETHANEDIOL
6 non-polymer 'BORIC ACID'
7 non-polymer 'CHLORIDE ION'
8 non-polymer '(2S)-1-[(2S)-2-[[(1S)-1-[(2S)-1-(4-aminophenyl)carbonylpyrrolidin-2-yl]-2-oxidanyl-2-oxidanylidene-ethyl]amino]propanoyl]pyrrolidine-2-carboxylic acid'
9 non-polymer 2-acetamido-2-deoxy-beta-D-glucopyranose
10 water water
#
_entity_poly.entity_id   1
_entity_poly.type   'polypeptide(L)'
_entity_poly.pdbx_seq_one_letter_code
;LVTDEAEASKFVEEYDRTSQVVWNEYAGANWNYNTNITTETSKILLQKNMQIAQHTLKYGTQARKFDVNQLQNTTIKRII
KKVQDLERAALPAQELEEYNKILLDMETTYSVATVCHPQGSCLQLEPDLTNVMATSRKYEDLLWAWEGWRDKAGRAILQF
YPKYVELINQAARLNGYVDAGDSWRSMYETPSLEQDLERLFQELQPLYLNLHAYVRRALHRHYGAQHINLEGPIPAHLLG
NMWAQTWSNIYDLVVPFPSAPSMDTTEAMLKQGWTPRRMFKEADDFFTSLGLLPVPPEFWQKSMLEKPTDGREVVCHASA
WDFYNGKDFRIKQCTTVNLEDLVVAHHEMGHIQYFMQYKDLPVALREGANPGFHEAIGDVLALSVSTPKHLHSLNLLSSE
GGSDEHDINFLMKMALDKIAFIPFSYLVDQWRWRVFDGSITKENYNQEWWSLRLKYQGLCPPVPRTQGDFDPGAKFHIPS
SVPYIRYFVSFIIQFQFHEALCQAAGHTGPLHKCDIYQSKEAGQRLATAMKLGFSRPWPEAMQLITGQPQMSASAMLSYF
KPLLDWLRTENELHGEKLGWPQYNWTPNSARSEGPLP
;
_entity_poly.pdbx_strand_id   A
#
# COMPACT_ATOMS: atom_id res chain seq x y z
N GLU A 5 -35.13 -17.97 8.20
CA GLU A 5 -33.83 -17.90 8.92
C GLU A 5 -32.99 -19.12 8.55
N ALA A 6 -33.66 -20.26 8.51
CA ALA A 6 -33.02 -21.47 8.04
C ALA A 6 -32.78 -21.38 6.52
N GLU A 7 -33.65 -20.65 5.81
CA GLU A 7 -33.38 -20.46 4.41
C GLU A 7 -32.12 -19.59 4.27
N ALA A 8 -31.99 -18.63 5.19
CA ALA A 8 -30.86 -17.71 5.08
C ALA A 8 -29.55 -18.43 5.39
N SER A 9 -29.55 -19.31 6.39
CA SER A 9 -28.39 -20.09 6.71
C SER A 9 -27.95 -20.99 5.54
N LYS A 10 -28.89 -21.69 4.90
CA LYS A 10 -28.56 -22.62 3.83
C LYS A 10 -27.95 -21.83 2.64
N PHE A 11 -28.52 -20.65 2.38
CA PHE A 11 -28.05 -19.82 1.29
C PHE A 11 -26.59 -19.44 1.53
N VAL A 12 -26.24 -18.98 2.73
CA VAL A 12 -24.84 -18.58 2.90
C VAL A 12 -23.94 -19.81 2.77
N GLU A 13 -24.49 -20.97 3.20
CA GLU A 13 -23.61 -22.14 3.12
C GLU A 13 -23.33 -22.49 1.67
N GLU A 14 -24.35 -22.47 0.80
CA GLU A 14 -24.22 -22.67 -0.64
C GLU A 14 -23.34 -21.61 -1.29
N TYR A 15 -23.60 -20.33 -0.94
CA TYR A 15 -22.69 -19.29 -1.42
C TYR A 15 -21.25 -19.65 -1.05
N ASP A 16 -21.01 -20.07 0.19
CA ASP A 16 -19.63 -20.31 0.58
C ASP A 16 -18.96 -21.43 -0.26
N ARG A 17 -19.66 -22.57 -0.46
CA ARG A 17 -18.94 -23.69 -1.08
C ARG A 17 -18.66 -23.36 -2.53
N THR A 18 -19.63 -22.72 -3.18
CA THR A 18 -19.53 -22.42 -4.61
C THR A 18 -18.52 -21.28 -4.85
N SER A 19 -18.47 -20.30 -3.91
CA SER A 19 -17.45 -19.23 -4.03
C SER A 19 -16.02 -19.74 -3.96
N GLN A 20 -15.70 -20.69 -3.03
CA GLN A 20 -14.36 -21.26 -2.95
C GLN A 20 -13.91 -21.75 -4.31
N VAL A 21 -14.81 -22.52 -4.96
CA VAL A 21 -14.42 -23.17 -6.21
C VAL A 21 -14.17 -22.09 -7.24
N VAL A 22 -15.18 -21.19 -7.42
CA VAL A 22 -15.08 -20.23 -8.49
C VAL A 22 -13.91 -19.28 -8.25
N TRP A 23 -13.74 -18.74 -7.02
CA TRP A 23 -12.64 -17.79 -6.77
C TRP A 23 -11.28 -18.50 -6.90
N ASN A 24 -11.20 -19.78 -6.52
CA ASN A 24 -9.98 -20.53 -6.76
C ASN A 24 -9.60 -20.55 -8.25
N GLU A 25 -10.56 -20.84 -9.13
CA GLU A 25 -10.31 -20.89 -10.56
C GLU A 25 -9.89 -19.50 -11.04
N TYR A 26 -10.60 -18.49 -10.55
CA TYR A 26 -10.25 -17.15 -11.02
C TYR A 26 -8.83 -16.75 -10.61
N ALA A 27 -8.50 -17.03 -9.34
CA ALA A 27 -7.21 -16.70 -8.74
C ALA A 27 -6.09 -17.35 -9.56
N GLY A 28 -6.32 -18.60 -9.98
CA GLY A 28 -5.43 -19.35 -10.84
C GLY A 28 -5.15 -18.66 -12.16
N ALA A 29 -6.25 -18.25 -12.81
CA ALA A 29 -6.07 -17.63 -14.12
C ALA A 29 -5.40 -16.24 -13.99
N ASN A 30 -5.79 -15.53 -12.91
CA ASN A 30 -5.24 -14.19 -12.71
C ASN A 30 -3.75 -14.32 -12.40
N TRP A 31 -3.43 -15.34 -11.56
CA TRP A 31 -2.02 -15.63 -11.30
C TRP A 31 -1.21 -15.83 -12.60
N ASN A 32 -1.71 -16.73 -13.45
CA ASN A 32 -0.96 -17.16 -14.66
C ASN A 32 -0.74 -15.98 -15.58
N TYR A 33 -1.74 -15.11 -15.63
CA TYR A 33 -1.56 -13.87 -16.42
C TYR A 33 -0.51 -12.97 -15.78
N ASN A 34 -0.60 -12.72 -14.43
CA ASN A 34 0.32 -11.80 -13.78
C ASN A 34 1.76 -12.29 -13.85
N THR A 35 1.96 -13.59 -13.91
CA THR A 35 3.31 -14.17 -13.90
C THR A 35 3.73 -14.54 -15.33
N ASN A 36 2.93 -14.12 -16.34
CA ASN A 36 3.20 -14.55 -17.72
C ASN A 36 2.21 -13.87 -18.66
N ILE A 37 2.43 -12.58 -18.95
CA ILE A 37 1.46 -11.79 -19.67
C ILE A 37 1.62 -12.24 -21.12
N THR A 38 0.63 -12.93 -21.67
CA THR A 38 0.65 -13.38 -23.08
C THR A 38 -0.75 -13.13 -23.62
N THR A 39 -0.91 -13.18 -24.97
CA THR A 39 -2.24 -13.16 -25.58
C THR A 39 -3.17 -14.20 -24.87
N GLU A 40 -2.68 -15.43 -24.73
CA GLU A 40 -3.47 -16.56 -24.25
C GLU A 40 -3.83 -16.45 -22.75
N THR A 41 -2.86 -16.10 -21.89
CA THR A 41 -3.20 -15.95 -20.49
C THR A 41 -4.23 -14.83 -20.38
N SER A 42 -4.11 -13.76 -21.21
CA SER A 42 -5.10 -12.67 -21.22
C SER A 42 -6.51 -13.21 -21.49
N LYS A 43 -6.59 -13.98 -22.59
CA LYS A 43 -7.84 -14.60 -23.05
C LYS A 43 -8.50 -15.43 -21.97
N ILE A 44 -7.77 -16.40 -21.37
CA ILE A 44 -8.30 -17.25 -20.30
C ILE A 44 -8.75 -16.38 -19.12
N LEU A 45 -7.91 -15.41 -18.71
CA LEU A 45 -8.34 -14.50 -17.66
C LEU A 45 -9.69 -13.86 -18.01
N LEU A 46 -9.83 -13.28 -19.20
CA LEU A 46 -11.04 -12.51 -19.49
C LEU A 46 -12.25 -13.46 -19.47
N GLN A 47 -12.03 -14.72 -19.88
CA GLN A 47 -13.06 -15.75 -19.79
C GLN A 47 -13.44 -16.07 -18.34
N LYS A 48 -12.45 -16.25 -17.44
CA LYS A 48 -12.75 -16.55 -16.05
C LYS A 48 -13.44 -15.35 -15.39
N ASN A 49 -13.12 -14.15 -15.88
CA ASN A 49 -13.88 -12.98 -15.44
C ASN A 49 -15.36 -13.21 -15.72
N MET A 50 -15.72 -13.69 -16.91
CA MET A 50 -17.15 -13.80 -17.14
C MET A 50 -17.66 -14.90 -16.23
N GLN A 51 -16.83 -15.90 -15.93
CA GLN A 51 -17.35 -16.99 -15.10
C GLN A 51 -17.61 -16.54 -13.67
N ILE A 52 -16.68 -15.81 -13.09
CA ILE A 52 -16.96 -15.40 -11.71
C ILE A 52 -18.13 -14.40 -11.67
N ALA A 53 -18.30 -13.60 -12.75
CA ALA A 53 -19.39 -12.62 -12.78
C ALA A 53 -20.74 -13.37 -12.82
N GLN A 54 -20.81 -14.46 -13.59
CA GLN A 54 -22.04 -15.25 -13.57
C GLN A 54 -22.37 -15.77 -12.17
N HIS A 55 -21.36 -16.31 -11.45
CA HIS A 55 -21.53 -16.75 -10.06
C HIS A 55 -22.04 -15.60 -9.20
N THR A 56 -21.33 -14.44 -9.33
CA THR A 56 -21.68 -13.32 -8.47
C THR A 56 -23.15 -12.91 -8.72
N LEU A 57 -23.55 -12.84 -10.01
CA LEU A 57 -24.91 -12.48 -10.41
C LEU A 57 -25.93 -13.46 -9.83
N LYS A 58 -25.62 -14.76 -9.95
CA LYS A 58 -26.55 -15.76 -9.49
C LYS A 58 -26.78 -15.57 -7.99
N TYR A 59 -25.68 -15.56 -7.22
CA TYR A 59 -25.84 -15.51 -5.77
C TYR A 59 -26.26 -14.12 -5.29
N GLY A 60 -25.76 -13.05 -5.95
CA GLY A 60 -26.15 -11.70 -5.59
C GLY A 60 -27.64 -11.46 -5.88
N THR A 61 -28.15 -11.98 -7.00
CA THR A 61 -29.59 -11.85 -7.24
C THR A 61 -30.40 -12.51 -6.11
N GLN A 62 -29.99 -13.72 -5.70
CA GLN A 62 -30.70 -14.49 -4.67
C GLN A 62 -30.57 -13.76 -3.36
N ALA A 63 -29.35 -13.25 -3.06
CA ALA A 63 -29.09 -12.54 -1.78
C ALA A 63 -30.04 -11.35 -1.61
N ARG A 64 -30.33 -10.65 -2.69
CA ARG A 64 -31.13 -9.46 -2.60
C ARG A 64 -32.60 -9.78 -2.34
N LYS A 65 -33.05 -11.03 -2.52
CA LYS A 65 -34.44 -11.33 -2.22
C LYS A 65 -34.59 -11.54 -0.72
N PHE A 66 -33.50 -11.60 0.04
CA PHE A 66 -33.68 -11.68 1.48
C PHE A 66 -33.76 -10.30 2.10
N ASP A 67 -34.82 -10.06 2.88
CA ASP A 67 -34.88 -8.85 3.69
C ASP A 67 -34.04 -9.04 4.95
N VAL A 68 -32.86 -8.42 4.96
CA VAL A 68 -31.94 -8.72 6.03
C VAL A 68 -32.41 -7.98 7.29
N ASN A 69 -33.28 -6.96 7.15
CA ASN A 69 -33.91 -6.37 8.32
C ASN A 69 -34.53 -7.45 9.20
N GLN A 70 -35.19 -8.44 8.55
CA GLN A 70 -36.01 -9.45 9.17
C GLN A 70 -35.20 -10.66 9.63
N LEU A 71 -33.85 -10.58 9.62
CA LEU A 71 -32.98 -11.70 9.96
C LEU A 71 -32.37 -11.44 11.32
N GLN A 72 -32.42 -12.49 12.16
CA GLN A 72 -31.95 -12.54 13.54
C GLN A 72 -30.43 -12.73 13.62
N ASN A 73 -29.91 -13.84 13.06
CA ASN A 73 -28.48 -14.13 13.22
C ASN A 73 -27.66 -13.01 12.56
N THR A 74 -26.72 -12.39 13.30
CA THR A 74 -26.10 -11.17 12.79
C THR A 74 -24.98 -11.50 11.76
N THR A 75 -24.29 -12.62 11.90
CA THR A 75 -23.29 -13.11 10.95
C THR A 75 -23.95 -13.44 9.60
N ILE A 76 -25.09 -14.15 9.62
CA ILE A 76 -25.81 -14.43 8.39
C ILE A 76 -26.31 -13.13 7.74
N LYS A 77 -26.98 -12.25 8.51
CA LYS A 77 -27.30 -10.88 8.12
C LYS A 77 -26.13 -10.22 7.36
N ARG A 78 -24.96 -10.26 7.99
CA ARG A 78 -23.87 -9.48 7.43
C ARG A 78 -23.33 -10.12 6.15
N ILE A 79 -23.20 -11.46 6.12
CA ILE A 79 -22.78 -12.09 4.88
C ILE A 79 -23.72 -11.72 3.76
N ILE A 80 -25.03 -11.87 4.01
CA ILE A 80 -26.02 -11.69 2.98
C ILE A 80 -25.99 -10.25 2.46
N LYS A 81 -25.89 -9.31 3.38
CA LYS A 81 -25.81 -7.91 2.97
C LYS A 81 -24.60 -7.68 2.02
N LYS A 82 -23.47 -8.27 2.36
CA LYS A 82 -22.30 -8.19 1.50
C LYS A 82 -22.51 -8.87 0.12
N VAL A 83 -23.21 -10.02 0.06
CA VAL A 83 -23.38 -10.67 -1.24
C VAL A 83 -24.35 -9.90 -2.12
N GLN A 84 -25.23 -9.08 -1.51
CA GLN A 84 -26.11 -8.23 -2.33
C GLN A 84 -25.34 -7.19 -3.15
N ASP A 85 -24.05 -7.01 -2.88
CA ASP A 85 -23.28 -6.11 -3.71
C ASP A 85 -22.60 -6.93 -4.81
N LEU A 86 -22.99 -6.67 -6.06
CA LEU A 86 -22.52 -7.48 -7.19
C LEU A 86 -21.23 -6.93 -7.74
N GLU A 87 -20.81 -5.75 -7.20
CA GLU A 87 -19.69 -5.01 -7.81
C GLU A 87 -19.85 -5.01 -9.33
N ARG A 88 -18.80 -5.26 -10.10
CA ARG A 88 -18.88 -4.98 -11.52
C ARG A 88 -19.90 -5.93 -12.14
N ALA A 89 -20.18 -7.06 -11.46
CA ALA A 89 -21.09 -8.05 -12.07
C ALA A 89 -22.54 -7.51 -12.14
N ALA A 90 -22.77 -6.29 -11.66
CA ALA A 90 -24.08 -5.65 -11.82
C ALA A 90 -24.23 -5.04 -13.21
N LEU A 91 -23.13 -4.83 -13.94
CA LEU A 91 -23.18 -4.15 -15.21
C LEU A 91 -23.94 -5.03 -16.24
N PRO A 92 -24.65 -4.47 -17.25
CA PRO A 92 -25.15 -5.29 -18.36
C PRO A 92 -23.93 -5.96 -18.98
N ALA A 93 -24.11 -7.07 -19.71
CA ALA A 93 -23.02 -7.93 -20.12
C ALA A 93 -22.03 -7.19 -21.03
N GLN A 94 -22.52 -6.29 -21.89
CA GLN A 94 -21.66 -5.60 -22.84
C GLN A 94 -20.70 -4.65 -22.10
N GLU A 95 -21.24 -3.85 -21.17
CA GLU A 95 -20.42 -2.99 -20.33
C GLU A 95 -19.50 -3.84 -19.44
N LEU A 96 -19.98 -4.99 -18.98
CA LEU A 96 -19.14 -5.81 -18.13
C LEU A 96 -17.91 -6.25 -18.91
N GLU A 97 -18.13 -6.71 -20.15
CA GLU A 97 -17.00 -7.15 -20.96
C GLU A 97 -16.09 -5.97 -21.26
N GLU A 98 -16.66 -4.80 -21.56
CA GLU A 98 -15.78 -3.69 -21.90
C GLU A 98 -15.00 -3.32 -20.64
N TYR A 99 -15.70 -3.28 -19.49
CA TYR A 99 -15.02 -2.91 -18.24
C TYR A 99 -13.82 -3.84 -17.98
N ASN A 100 -14.01 -5.14 -18.13
CA ASN A 100 -12.96 -6.09 -17.78
C ASN A 100 -11.79 -5.92 -18.74
N LYS A 101 -12.13 -5.52 -19.97
CA LYS A 101 -11.09 -5.39 -20.96
C LYS A 101 -10.27 -4.13 -20.69
N ILE A 102 -10.97 -3.05 -20.27
CA ILE A 102 -10.34 -1.82 -19.85
C ILE A 102 -9.34 -2.07 -18.71
N LEU A 103 -9.77 -2.76 -17.66
CA LEU A 103 -8.92 -3.05 -16.54
C LEU A 103 -7.67 -3.79 -17.02
N LEU A 104 -7.93 -4.78 -17.91
CA LEU A 104 -6.82 -5.62 -18.28
C LEU A 104 -5.83 -4.78 -19.06
N ASP A 105 -6.34 -3.91 -19.93
CA ASP A 105 -5.53 -3.09 -20.82
C ASP A 105 -4.75 -2.06 -20.01
N MET A 106 -5.39 -1.56 -18.98
CA MET A 106 -4.67 -0.62 -18.12
C MET A 106 -3.49 -1.29 -17.37
N GLU A 107 -3.73 -2.44 -16.74
CA GLU A 107 -2.71 -3.14 -15.97
C GLU A 107 -1.54 -3.50 -16.87
N THR A 108 -1.89 -4.13 -18.01
CA THR A 108 -0.89 -4.52 -18.98
C THR A 108 -0.08 -3.31 -19.41
N THR A 109 -0.72 -2.21 -19.81
CA THR A 109 0.03 -1.01 -20.23
C THR A 109 1.04 -0.60 -19.14
N TYR A 110 0.56 -0.49 -17.91
CA TYR A 110 1.45 -0.07 -16.81
C TYR A 110 2.62 -1.05 -16.68
N SER A 111 2.32 -2.35 -16.70
CA SER A 111 3.29 -3.35 -16.31
C SER A 111 4.32 -3.60 -17.41
N VAL A 112 4.03 -3.14 -18.65
CA VAL A 112 5.00 -3.38 -19.73
C VAL A 112 5.65 -2.09 -20.23
N ALA A 113 5.30 -0.93 -19.67
CA ALA A 113 5.86 0.34 -20.13
C ALA A 113 7.40 0.32 -19.94
N THR A 114 8.10 0.90 -20.91
CA THR A 114 9.55 1.09 -20.77
C THR A 114 9.94 2.50 -21.17
N VAL A 115 11.10 2.94 -20.67
CA VAL A 115 11.60 4.25 -21.04
C VAL A 115 12.97 4.11 -21.71
N CYS A 116 13.16 4.63 -22.91
CA CYS A 116 14.29 4.26 -23.76
C CYS A 116 15.11 5.51 -24.06
N HIS A 117 16.45 5.42 -24.00
CA HIS A 117 17.35 6.39 -24.61
C HIS A 117 17.25 6.21 -26.13
N PRO A 118 17.51 7.25 -26.96
CA PRO A 118 17.28 7.13 -28.41
C PRO A 118 18.03 6.09 -29.28
N GLY A 120 19.56 3.90 -28.15
CA GLY A 120 19.87 3.61 -26.73
C GLY A 120 19.07 2.42 -26.14
N SER A 121 19.33 2.08 -24.86
CA SER A 121 18.57 0.96 -24.29
C SER A 121 17.40 1.46 -23.42
N CYS A 122 16.54 0.49 -23.08
CA CYS A 122 15.19 0.74 -22.61
C CYS A 122 15.13 0.32 -21.17
N LEU A 123 14.57 1.15 -20.30
CA LEU A 123 14.61 0.79 -18.88
C LEU A 123 13.18 0.45 -18.45
N GLN A 124 13.06 -0.58 -17.60
CA GLN A 124 11.76 -0.96 -17.02
C GLN A 124 11.63 -0.32 -15.65
N LEU A 125 10.41 -0.22 -15.12
CA LEU A 125 10.25 0.39 -13.79
C LEU A 125 11.01 -0.39 -12.71
N GLU A 126 10.88 -1.71 -12.65
CA GLU A 126 11.69 -2.54 -11.76
C GLU A 126 12.63 -3.41 -12.56
N PRO A 127 13.96 -3.40 -12.29
CA PRO A 127 14.55 -2.58 -11.23
C PRO A 127 15.13 -1.24 -11.71
N ASP A 128 15.14 -0.99 -13.04
CA ASP A 128 16.03 0.01 -13.64
C ASP A 128 15.65 1.42 -13.19
N LEU A 129 14.40 1.83 -13.46
CA LEU A 129 14.01 3.20 -13.12
C LEU A 129 13.95 3.43 -11.61
N THR A 130 13.47 2.42 -10.90
CA THR A 130 13.51 2.46 -9.42
C THR A 130 14.93 2.76 -8.94
N ASN A 131 15.90 2.05 -9.51
N ASN A 131 15.88 2.03 -9.51
CA ASN A 131 17.28 2.22 -9.07
CA ASN A 131 17.29 2.16 -9.16
C ASN A 131 17.80 3.60 -9.49
C ASN A 131 17.78 3.58 -9.50
N VAL A 132 17.45 4.10 -10.69
CA VAL A 132 17.81 5.49 -11.02
C VAL A 132 17.30 6.51 -10.00
N MET A 133 16.00 6.47 -9.64
CA MET A 133 15.42 7.40 -8.66
C MET A 133 16.09 7.24 -7.29
N ALA A 134 16.41 6.00 -6.91
CA ALA A 134 17.03 5.74 -5.61
C ALA A 134 18.47 6.25 -5.55
N THR A 135 19.23 6.21 -6.65
CA THR A 135 20.67 6.32 -6.44
C THR A 135 21.24 7.53 -7.16
N SER A 136 20.58 8.01 -8.23
CA SER A 136 21.13 9.13 -8.96
C SER A 136 21.09 10.38 -8.10
N ARG A 137 22.10 11.24 -8.23
CA ARG A 137 22.12 12.54 -7.56
C ARG A 137 22.34 13.64 -8.58
N LYS A 138 22.07 13.36 -9.87
CA LYS A 138 22.16 14.37 -10.92
C LYS A 138 20.74 14.81 -11.32
N TYR A 139 20.47 16.13 -11.22
CA TYR A 139 19.11 16.64 -11.35
C TYR A 139 18.52 16.20 -12.69
N GLU A 140 19.31 16.29 -13.75
CA GLU A 140 18.79 16.07 -15.10
C GLU A 140 18.59 14.56 -15.35
N ASP A 141 19.35 13.65 -14.72
CA ASP A 141 19.12 12.21 -14.92
C ASP A 141 17.83 11.80 -14.18
N LEU A 142 17.63 12.37 -12.99
CA LEU A 142 16.45 12.12 -12.19
C LEU A 142 15.25 12.65 -12.97
N LEU A 143 15.45 13.81 -13.61
CA LEU A 143 14.34 14.35 -14.38
C LEU A 143 13.98 13.49 -15.57
N TRP A 144 15.00 13.02 -16.27
CA TRP A 144 14.77 12.11 -17.39
C TRP A 144 13.92 10.89 -16.93
N ALA A 145 14.28 10.27 -15.79
CA ALA A 145 13.59 9.04 -15.40
C ALA A 145 12.18 9.39 -14.99
N TRP A 146 12.04 10.52 -14.33
CA TRP A 146 10.78 10.89 -13.71
C TRP A 146 9.80 11.27 -14.85
N GLU A 147 10.27 12.08 -15.78
CA GLU A 147 9.43 12.58 -16.88
C GLU A 147 9.14 11.40 -17.82
N GLY A 148 10.18 10.59 -18.12
CA GLY A 148 10.06 9.49 -19.09
C GLY A 148 8.97 8.51 -18.63
N TRP A 149 8.97 8.21 -17.33
CA TRP A 149 8.04 7.22 -16.80
C TRP A 149 6.63 7.78 -16.97
N ARG A 150 6.48 9.07 -16.70
CA ARG A 150 5.19 9.70 -16.83
C ARG A 150 4.80 9.76 -18.32
N ASP A 151 5.70 10.20 -19.20
CA ASP A 151 5.35 10.20 -20.63
C ASP A 151 4.91 8.82 -21.13
N LYS A 152 5.52 7.73 -20.64
CA LYS A 152 5.32 6.41 -21.24
C LYS A 152 4.18 5.68 -20.57
N ALA A 153 4.16 5.67 -19.24
CA ALA A 153 3.09 4.98 -18.55
C ALA A 153 1.87 5.86 -18.32
N GLY A 154 2.05 7.06 -17.75
CA GLY A 154 0.88 7.83 -17.43
C GLY A 154 0.13 8.29 -18.69
N ARG A 155 0.84 8.78 -19.72
CA ARG A 155 0.06 9.29 -20.84
C ARG A 155 -0.73 8.15 -21.49
N ALA A 156 -0.16 6.94 -21.50
CA ALA A 156 -0.76 5.81 -22.20
C ALA A 156 -1.99 5.34 -21.44
N ILE A 157 -2.11 5.65 -20.13
CA ILE A 157 -3.32 5.17 -19.43
C ILE A 157 -4.51 6.11 -19.69
N LEU A 158 -4.21 7.38 -20.01
CA LEU A 158 -5.24 8.40 -20.14
C LEU A 158 -6.36 7.96 -21.09
N GLN A 159 -6.04 7.27 -22.20
CA GLN A 159 -7.10 6.98 -23.16
C GLN A 159 -8.17 6.05 -22.58
N PHE A 160 -7.80 5.22 -21.58
CA PHE A 160 -8.71 4.31 -20.87
C PHE A 160 -9.49 4.92 -19.71
N TYR A 161 -8.95 5.97 -19.08
CA TYR A 161 -9.42 6.31 -17.74
C TYR A 161 -10.87 6.80 -17.72
N PRO A 162 -11.31 7.73 -18.61
CA PRO A 162 -12.69 8.21 -18.52
C PRO A 162 -13.70 7.06 -18.55
N LYS A 163 -13.48 6.06 -19.42
CA LYS A 163 -14.42 4.96 -19.58
C LYS A 163 -14.36 4.04 -18.37
N TYR A 164 -13.11 3.81 -17.86
CA TYR A 164 -13.00 3.17 -16.55
C TYR A 164 -13.92 3.84 -15.53
N VAL A 165 -13.83 5.18 -15.42
CA VAL A 165 -14.55 5.90 -14.37
C VAL A 165 -16.04 5.74 -14.59
N GLU A 166 -16.43 5.88 -15.88
CA GLU A 166 -17.85 5.75 -16.13
C GLU A 166 -18.37 4.35 -15.76
N LEU A 167 -17.66 3.29 -16.13
CA LEU A 167 -18.14 1.93 -15.84
C LEU A 167 -18.08 1.60 -14.33
N ILE A 168 -17.01 2.00 -13.63
CA ILE A 168 -16.92 1.62 -12.22
C ILE A 168 -17.99 2.38 -11.46
N ASN A 169 -18.28 3.62 -11.86
CA ASN A 169 -19.32 4.38 -11.17
C ASN A 169 -20.68 3.76 -11.49
N GLN A 170 -20.84 3.35 -12.77
CA GLN A 170 -22.12 2.73 -13.18
C GLN A 170 -22.38 1.46 -12.35
N ALA A 171 -21.37 0.59 -12.24
CA ALA A 171 -21.47 -0.54 -11.32
C ALA A 171 -21.82 -0.10 -9.88
N ALA A 172 -21.13 0.94 -9.35
CA ALA A 172 -21.39 1.38 -7.99
C ALA A 172 -22.87 1.74 -7.79
N ARG A 173 -23.37 2.52 -8.76
CA ARG A 173 -24.76 2.99 -8.61
C ARG A 173 -25.73 1.82 -8.68
N LEU A 174 -25.40 0.86 -9.57
CA LEU A 174 -26.26 -0.32 -9.72
C LEU A 174 -26.21 -1.19 -8.47
N ASN A 175 -25.20 -0.96 -7.63
CA ASN A 175 -25.23 -1.63 -6.34
C ASN A 175 -25.74 -0.75 -5.20
N GLY A 176 -26.22 0.45 -5.46
CA GLY A 176 -26.84 1.18 -4.38
C GLY A 176 -25.95 2.30 -3.83
N TYR A 177 -24.75 2.52 -4.45
CA TYR A 177 -23.83 3.54 -3.95
C TYR A 177 -24.05 4.79 -4.81
N VAL A 178 -23.52 5.95 -4.41
CA VAL A 178 -23.70 7.05 -5.32
C VAL A 178 -22.65 7.08 -6.41
N ASP A 179 -21.45 6.55 -6.12
CA ASP A 179 -20.36 6.47 -7.11
C ASP A 179 -19.32 5.48 -6.56
N ALA A 180 -18.27 5.14 -7.32
CA ALA A 180 -17.31 4.13 -6.88
C ALA A 180 -16.55 4.50 -5.60
N GLY A 181 -16.26 5.80 -5.41
CA GLY A 181 -15.57 6.29 -4.20
C GLY A 181 -16.43 6.04 -2.95
N ASP A 182 -17.73 6.32 -3.03
CA ASP A 182 -18.64 6.00 -1.90
C ASP A 182 -18.56 4.50 -1.57
N SER A 183 -18.64 3.68 -2.63
N SER A 183 -18.62 3.68 -2.63
CA SER A 183 -18.48 2.25 -2.48
CA SER A 183 -18.49 2.23 -2.46
C SER A 183 -17.17 1.90 -1.75
C SER A 183 -17.18 1.88 -1.74
N TRP A 184 -16.04 2.48 -2.15
CA TRP A 184 -14.76 2.16 -1.51
C TRP A 184 -14.74 2.55 -0.02
N ARG A 185 -15.19 3.77 0.31
CA ARG A 185 -15.26 4.30 1.67
C ARG A 185 -16.14 3.38 2.53
N SER A 186 -17.20 2.80 1.93
N SER A 186 -17.21 2.79 1.96
CA SER A 186 -18.15 1.92 2.65
CA SER A 186 -18.14 1.96 2.75
C SER A 186 -17.46 0.73 3.29
C SER A 186 -17.49 0.66 3.24
N MET A 187 -16.33 0.32 2.73
CA MET A 187 -15.62 -0.86 3.19
C MET A 187 -15.10 -0.68 4.64
N TYR A 188 -14.99 0.56 5.16
CA TYR A 188 -14.54 0.82 6.52
C TYR A 188 -15.74 0.78 7.46
N GLU A 189 -16.99 0.81 6.93
CA GLU A 189 -18.22 0.86 7.76
C GLU A 189 -18.12 1.93 8.84
N THR A 190 -17.58 3.10 8.47
CA THR A 190 -17.30 4.19 9.40
C THR A 190 -17.85 5.46 8.76
N PRO A 191 -19.11 5.86 9.02
CA PRO A 191 -19.68 7.07 8.38
C PRO A 191 -18.91 8.39 8.61
N SER A 192 -18.09 8.44 9.72
CA SER A 192 -17.25 9.62 9.98
C SER A 192 -15.84 9.47 9.41
N LEU A 193 -15.63 8.46 8.55
CA LEU A 193 -14.32 8.25 7.92
C LEU A 193 -13.62 9.55 7.43
N GLU A 194 -14.27 10.34 6.55
CA GLU A 194 -13.54 11.43 5.93
C GLU A 194 -13.06 12.36 7.04
N GLN A 195 -13.94 12.66 7.98
CA GLN A 195 -13.52 13.64 8.98
C GLN A 195 -12.48 13.04 9.92
N ASP A 196 -12.66 11.76 10.30
CA ASP A 196 -11.68 11.06 11.13
C ASP A 196 -10.29 11.12 10.50
N LEU A 197 -10.24 10.86 9.19
CA LEU A 197 -8.91 10.82 8.58
C LEU A 197 -8.36 12.24 8.44
N GLU A 198 -9.22 13.22 8.08
CA GLU A 198 -8.84 14.64 8.15
C GLU A 198 -8.13 14.99 9.49
N ARG A 199 -8.71 14.57 10.63
CA ARG A 199 -8.13 15.09 11.85
C ARG A 199 -6.80 14.38 12.06
N LEU A 200 -6.75 13.06 11.78
CA LEU A 200 -5.52 12.30 11.85
C LEU A 200 -4.42 12.97 11.00
N PHE A 201 -4.71 13.35 9.75
CA PHE A 201 -3.68 13.96 8.92
C PHE A 201 -3.27 15.28 9.59
N GLN A 202 -4.23 16.02 10.18
CA GLN A 202 -3.87 17.32 10.74
C GLN A 202 -2.97 17.14 11.96
N GLU A 203 -3.16 16.03 12.68
CA GLU A 203 -2.26 15.80 13.80
C GLU A 203 -0.82 15.53 13.39
N LEU A 204 -0.57 15.01 12.16
CA LEU A 204 0.79 14.71 11.76
C LEU A 204 1.41 15.90 11.04
N GLN A 205 0.76 17.05 10.99
CA GLN A 205 1.27 18.20 10.26
C GLN A 205 2.56 18.77 10.86
N PRO A 206 2.67 18.98 12.20
CA PRO A 206 3.92 19.36 12.83
C PRO A 206 5.06 18.50 12.32
N LEU A 207 4.85 17.18 12.38
CA LEU A 207 6.00 16.37 12.08
C LEU A 207 6.35 16.48 10.58
N TYR A 208 5.30 16.36 9.73
CA TYR A 208 5.52 16.38 8.28
C TYR A 208 6.11 17.75 7.87
N LEU A 209 5.55 18.87 8.36
CA LEU A 209 6.11 20.14 7.86
C LEU A 209 7.56 20.34 8.32
N ASN A 210 7.88 19.84 9.55
CA ASN A 210 9.23 20.03 10.05
C ASN A 210 10.20 19.09 9.31
N LEU A 211 9.71 17.91 8.95
CA LEU A 211 10.50 16.98 8.15
C LEU A 211 10.76 17.54 6.75
N HIS A 212 9.68 18.05 6.13
CA HIS A 212 9.66 18.69 4.81
C HIS A 212 10.65 19.83 4.77
N ALA A 213 10.57 20.71 5.83
CA ALA A 213 11.44 21.90 5.77
C ALA A 213 12.91 21.47 5.85
N TYR A 214 13.23 20.52 6.76
CA TYR A 214 14.62 20.09 6.97
C TYR A 214 15.14 19.40 5.70
N VAL A 215 14.30 18.52 5.08
CA VAL A 215 14.78 17.89 3.82
C VAL A 215 14.95 18.97 2.73
N ARG A 216 14.02 19.90 2.60
CA ARG A 216 14.13 21.02 1.62
C ARG A 216 15.48 21.74 1.75
N ARG A 217 15.90 22.00 3.00
CA ARG A 217 17.15 22.71 3.29
C ARG A 217 18.31 21.84 2.77
N ALA A 218 18.25 20.53 3.04
CA ALA A 218 19.32 19.63 2.64
C ALA A 218 19.36 19.51 1.12
N LEU A 219 18.19 19.46 0.49
CA LEU A 219 18.20 19.51 -0.98
C LEU A 219 18.80 20.84 -1.53
N HIS A 220 18.45 21.97 -0.88
CA HIS A 220 18.99 23.26 -1.28
C HIS A 220 20.52 23.18 -1.25
N ARG A 221 21.08 22.56 -0.20
CA ARG A 221 22.52 22.48 -0.04
C ARG A 221 23.11 21.65 -1.16
N HIS A 222 22.48 20.55 -1.57
CA HIS A 222 23.09 19.64 -2.57
C HIS A 222 22.83 20.10 -4.00
N TYR A 223 21.59 20.52 -4.31
CA TYR A 223 21.21 20.77 -5.71
C TYR A 223 21.37 22.26 -6.07
N GLY A 224 21.59 23.10 -5.06
CA GLY A 224 21.82 24.52 -5.28
C GLY A 224 20.59 25.40 -5.11
N ALA A 225 20.88 26.63 -4.68
CA ALA A 225 19.85 27.57 -4.27
C ALA A 225 18.98 27.88 -5.49
N GLN A 226 19.56 27.79 -6.71
CA GLN A 226 18.76 28.10 -7.87
C GLN A 226 17.74 27.01 -8.18
N HIS A 227 17.84 25.80 -7.55
CA HIS A 227 16.84 24.77 -7.85
C HIS A 227 15.86 24.47 -6.72
N ILE A 228 16.04 25.08 -5.53
CA ILE A 228 15.23 24.86 -4.35
C ILE A 228 14.85 26.22 -3.74
N ASN A 229 13.57 26.44 -3.58
CA ASN A 229 13.08 27.67 -2.99
C ASN A 229 12.81 27.29 -1.54
N LEU A 230 13.56 27.90 -0.64
CA LEU A 230 13.45 27.57 0.78
C LEU A 230 12.06 27.88 1.32
N GLU A 231 11.19 28.58 0.57
CA GLU A 231 9.84 28.88 1.05
C GLU A 231 8.79 28.22 0.16
N GLY A 232 9.24 27.34 -0.75
CA GLY A 232 8.31 26.75 -1.67
C GLY A 232 8.25 25.20 -1.60
N PRO A 233 7.52 24.62 -2.59
CA PRO A 233 7.32 23.18 -2.66
C PRO A 233 8.62 22.54 -3.11
N ILE A 234 8.82 21.25 -2.84
CA ILE A 234 10.09 20.63 -3.23
C ILE A 234 9.84 20.03 -4.63
N PRO A 235 10.75 20.12 -5.61
CA PRO A 235 10.53 19.43 -6.87
C PRO A 235 10.38 17.90 -6.70
N ALA A 236 9.43 17.27 -7.41
CA ALA A 236 8.99 15.90 -7.04
C ALA A 236 9.98 14.80 -7.43
N HIS A 237 11.07 15.13 -8.19
CA HIS A 237 11.97 14.06 -8.63
C HIS A 237 13.19 13.87 -7.71
N LEU A 238 13.32 14.58 -6.58
CA LEU A 238 14.57 14.59 -5.78
C LEU A 238 14.50 13.74 -4.51
N LEU A 239 13.36 13.01 -4.27
CA LEU A 239 13.15 12.36 -2.98
C LEU A 239 13.54 10.86 -3.01
N GLY A 240 14.11 10.31 -4.10
CA GLY A 240 14.77 8.99 -4.04
C GLY A 240 13.81 7.84 -4.46
N ASN A 241 12.60 8.26 -4.87
CA ASN A 241 11.47 7.39 -5.15
C ASN A 241 10.65 8.00 -6.29
N MET A 242 10.12 7.14 -7.15
CA MET A 242 9.44 7.64 -8.37
C MET A 242 8.28 8.58 -8.05
N TRP A 243 7.50 8.33 -6.99
CA TRP A 243 6.33 9.08 -6.63
C TRP A 243 6.60 10.03 -5.46
N ALA A 244 7.88 10.09 -4.98
CA ALA A 244 8.22 10.82 -3.75
C ALA A 244 7.27 10.41 -2.62
N GLN A 245 6.90 9.13 -2.51
CA GLN A 245 6.00 8.64 -1.49
C GLN A 245 6.77 8.23 -0.24
N THR A 246 8.03 7.79 -0.41
N THR A 246 8.03 7.82 -0.43
CA THR A 246 8.93 7.50 0.71
CA THR A 246 8.91 7.55 0.70
C THR A 246 10.27 8.13 0.33
C THR A 246 10.25 8.16 0.32
N TRP A 247 10.94 8.74 1.30
CA TRP A 247 12.12 9.54 1.01
C TRP A 247 13.39 8.88 1.56
N SER A 248 13.34 7.59 1.98
CA SER A 248 14.49 7.07 2.73
C SER A 248 15.73 6.86 1.83
N ASN A 249 15.55 6.80 0.51
CA ASN A 249 16.71 6.72 -0.39
C ASN A 249 17.59 7.97 -0.44
N ILE A 250 17.15 9.10 0.11
CA ILE A 250 18.03 10.27 0.14
C ILE A 250 18.52 10.50 1.59
N TYR A 251 18.51 9.41 2.40
CA TYR A 251 19.13 9.50 3.72
C TYR A 251 20.54 10.12 3.70
N ASP A 252 21.42 9.63 2.81
CA ASP A 252 22.74 10.19 2.52
C ASP A 252 22.72 11.72 2.44
N LEU A 253 21.70 12.37 1.85
CA LEU A 253 21.74 13.84 1.75
C LEU A 253 21.33 14.53 3.05
N VAL A 254 20.59 13.80 3.94
CA VAL A 254 19.93 14.48 5.03
C VAL A 254 20.39 13.99 6.41
N VAL A 255 21.44 13.16 6.47
CA VAL A 255 21.88 12.53 7.73
C VAL A 255 22.03 13.57 8.85
N PRO A 256 21.27 13.47 9.97
CA PRO A 256 21.38 14.43 11.07
C PRO A 256 22.80 14.41 11.64
N PHE A 257 23.45 13.24 11.73
CA PHE A 257 24.75 13.17 12.44
C PHE A 257 25.73 12.40 11.57
N PRO A 258 26.28 13.05 10.50
CA PRO A 258 27.22 12.41 9.56
C PRO A 258 28.40 11.85 10.32
N SER A 259 28.68 12.43 11.50
CA SER A 259 29.67 11.89 12.45
C SER A 259 29.44 10.42 12.85
N ALA A 260 28.18 10.02 13.08
CA ALA A 260 27.81 8.63 13.32
C ALA A 260 27.52 8.00 11.96
N PRO A 261 28.53 7.35 11.34
CA PRO A 261 28.43 6.99 9.92
C PRO A 261 27.43 5.83 9.93
N SER A 262 26.75 5.59 8.80
CA SER A 262 25.79 4.50 8.85
C SER A 262 26.21 3.43 7.85
N MET A 263 25.82 2.19 8.13
CA MET A 263 26.25 1.05 7.33
C MET A 263 25.49 1.01 6.00
N ASP A 264 26.21 0.67 4.93
CA ASP A 264 25.49 0.49 3.69
C ASP A 264 24.79 -0.88 3.76
N THR A 265 23.50 -0.88 4.12
CA THR A 265 22.76 -2.13 4.26
C THR A 265 22.67 -2.87 2.94
N THR A 266 22.67 -2.15 1.78
CA THR A 266 22.55 -2.82 0.50
C THR A 266 23.80 -3.67 0.28
N GLU A 267 24.96 -3.02 0.43
CA GLU A 267 26.26 -3.66 0.20
C GLU A 267 26.42 -4.89 1.11
N ALA A 268 25.93 -4.72 2.37
CA ALA A 268 26.03 -5.73 3.40
C ALA A 268 25.23 -6.97 2.97
N MET A 269 23.98 -6.74 2.51
CA MET A 269 23.13 -7.83 2.05
C MET A 269 23.82 -8.56 0.89
N LEU A 270 24.28 -7.78 -0.09
CA LEU A 270 24.87 -8.31 -1.32
C LEU A 270 26.14 -9.08 -0.96
N LYS A 271 27.08 -8.36 -0.32
CA LYS A 271 28.30 -8.95 0.23
C LYS A 271 28.02 -10.21 1.02
N GLN A 272 26.99 -10.24 1.88
CA GLN A 272 26.77 -11.43 2.68
C GLN A 272 25.97 -12.49 1.92
N GLY A 273 25.76 -12.30 0.61
CA GLY A 273 25.12 -13.35 -0.16
C GLY A 273 23.60 -13.44 0.03
N TRP A 274 22.94 -12.37 0.54
CA TRP A 274 21.49 -12.49 0.72
C TRP A 274 20.82 -12.76 -0.61
N THR A 275 19.70 -13.50 -0.65
CA THR A 275 18.90 -13.70 -1.86
C THR A 275 17.44 -13.29 -1.53
N PRO A 276 16.58 -13.16 -2.57
CA PRO A 276 15.15 -13.01 -2.34
C PRO A 276 14.62 -14.15 -1.46
N ARG A 277 15.06 -15.41 -1.67
CA ARG A 277 14.57 -16.49 -0.81
C ARG A 277 14.98 -16.27 0.64
N ARG A 278 16.21 -15.79 0.84
CA ARG A 278 16.68 -15.53 2.21
C ARG A 278 15.80 -14.45 2.88
N MET A 279 15.45 -13.45 2.07
CA MET A 279 14.67 -12.33 2.55
C MET A 279 13.33 -12.85 3.06
N PHE A 280 12.71 -13.72 2.25
CA PHE A 280 11.39 -14.22 2.64
C PHE A 280 11.49 -15.16 3.83
N LYS A 281 12.58 -15.95 3.88
CA LYS A 281 12.76 -16.86 5.06
C LYS A 281 12.93 -16.10 6.36
N GLU A 282 13.62 -14.96 6.30
CA GLU A 282 13.66 -14.14 7.50
C GLU A 282 12.31 -13.60 7.88
N ALA A 283 11.50 -13.18 6.89
CA ALA A 283 10.18 -12.69 7.28
C ALA A 283 9.38 -13.85 7.89
N ASP A 284 9.48 -15.03 7.27
CA ASP A 284 8.78 -16.18 7.84
C ASP A 284 9.25 -16.44 9.29
N ASP A 285 10.56 -16.34 9.47
CA ASP A 285 11.11 -16.45 10.83
C ASP A 285 10.49 -15.49 11.86
N PHE A 286 10.29 -14.22 11.46
CA PHE A 286 9.80 -13.22 12.38
C PHE A 286 8.41 -13.63 12.78
N PHE A 287 7.64 -14.04 11.77
CA PHE A 287 6.24 -14.40 12.07
C PHE A 287 6.18 -15.59 13.05
N THR A 288 6.96 -16.67 12.76
CA THR A 288 6.91 -17.84 13.67
C THR A 288 7.53 -17.50 15.02
N SER A 289 8.48 -16.54 15.06
CA SER A 289 9.02 -16.08 16.35
C SER A 289 7.92 -15.63 17.29
N LEU A 290 6.83 -15.05 16.71
CA LEU A 290 5.71 -14.46 17.44
C LEU A 290 4.69 -15.54 17.83
N GLY A 291 5.01 -16.78 17.39
CA GLY A 291 4.15 -17.94 17.44
C GLY A 291 2.98 -17.80 16.45
N LEU A 292 3.12 -16.98 15.39
CA LEU A 292 2.16 -16.90 14.29
C LEU A 292 2.49 -18.06 13.35
N LEU A 293 1.69 -18.24 12.28
CA LEU A 293 1.76 -19.37 11.38
C LEU A 293 2.90 -19.29 10.39
N PRO A 294 3.55 -20.44 10.08
CA PRO A 294 4.60 -20.47 9.07
C PRO A 294 3.88 -20.55 7.74
N VAL A 295 4.52 -20.10 6.65
CA VAL A 295 3.84 -20.28 5.38
C VAL A 295 4.00 -21.76 4.98
N PRO A 296 3.06 -22.37 4.22
CA PRO A 296 3.14 -23.81 3.95
C PRO A 296 4.26 -24.12 2.96
N PRO A 297 4.68 -25.40 2.89
CA PRO A 297 5.66 -25.80 1.87
C PRO A 297 5.27 -25.38 0.46
N GLU A 298 3.97 -25.39 0.15
CA GLU A 298 3.51 -25.08 -1.19
C GLU A 298 3.77 -23.61 -1.56
N PHE A 299 3.77 -22.73 -0.51
CA PHE A 299 4.18 -21.33 -0.68
C PHE A 299 5.56 -21.24 -1.34
N TRP A 300 6.51 -22.02 -0.85
CA TRP A 300 7.88 -21.93 -1.38
C TRP A 300 8.04 -22.54 -2.76
N GLN A 301 7.22 -23.52 -3.13
CA GLN A 301 7.29 -24.13 -4.45
C GLN A 301 6.58 -23.29 -5.51
N LYS A 302 5.46 -22.59 -5.14
CA LYS A 302 4.67 -21.89 -6.14
C LYS A 302 4.95 -20.38 -6.23
N SER A 303 5.53 -19.74 -5.21
CA SER A 303 5.60 -18.26 -5.25
C SER A 303 6.58 -17.84 -6.35
N MET A 304 6.51 -16.62 -6.84
CA MET A 304 7.51 -16.12 -7.78
C MET A 304 8.24 -14.99 -7.01
N LEU A 305 9.47 -15.27 -6.52
CA LEU A 305 10.16 -14.38 -5.58
C LEU A 305 11.27 -13.55 -6.25
N GLU A 306 11.42 -13.74 -7.55
CA GLU A 306 12.34 -12.88 -8.27
C GLU A 306 11.80 -12.75 -9.67
N LYS A 307 12.27 -11.72 -10.36
CA LYS A 307 11.84 -11.44 -11.71
C LYS A 307 12.32 -12.56 -12.63
N PRO A 308 11.44 -13.23 -13.42
CA PRO A 308 11.86 -14.25 -14.39
C PRO A 308 13.00 -13.77 -15.29
N THR A 309 13.88 -14.67 -15.66
CA THR A 309 14.97 -14.27 -16.53
C THR A 309 14.72 -14.71 -17.98
N ASP A 310 13.57 -15.34 -18.27
CA ASP A 310 13.24 -15.88 -19.59
C ASP A 310 12.62 -14.82 -20.53
N GLY A 311 12.75 -13.52 -20.24
CA GLY A 311 12.27 -12.49 -21.16
C GLY A 311 10.75 -12.29 -21.18
N ARG A 312 9.98 -13.26 -20.60
CA ARG A 312 8.54 -13.21 -20.24
C ARG A 312 8.14 -11.86 -19.62
N GLU A 313 6.98 -11.32 -20.01
CA GLU A 313 6.49 -10.14 -19.31
C GLU A 313 5.72 -10.58 -18.05
N VAL A 314 6.11 -10.06 -16.87
CA VAL A 314 5.36 -10.27 -15.65
C VAL A 314 4.81 -8.92 -15.15
N VAL A 315 3.83 -8.99 -14.25
CA VAL A 315 3.47 -7.87 -13.40
C VAL A 315 4.49 -7.91 -12.27
N CYS A 316 5.43 -6.94 -12.27
CA CYS A 316 6.49 -6.95 -11.25
C CYS A 316 6.02 -6.44 -9.88
N HIS A 317 5.00 -5.58 -9.87
CA HIS A 317 4.56 -4.98 -8.65
C HIS A 317 4.26 -6.06 -7.60
N ALA A 318 4.88 -5.97 -6.42
CA ALA A 318 4.72 -6.98 -5.37
C ALA A 318 3.26 -7.16 -4.97
N SER A 319 2.86 -8.45 -4.80
CA SER A 319 1.49 -8.77 -4.37
C SER A 319 1.43 -10.14 -3.71
N ALA A 320 0.43 -10.28 -2.83
CA ALA A 320 0.17 -11.48 -2.05
C ALA A 320 -1.09 -12.10 -2.61
N TRP A 321 -1.12 -13.42 -2.60
CA TRP A 321 -2.19 -14.15 -3.28
C TRP A 321 -2.82 -15.24 -2.39
N ASP A 322 -4.13 -15.14 -2.14
CA ASP A 322 -5.00 -16.16 -1.54
C ASP A 322 -5.75 -16.87 -2.68
N PHE A 323 -5.62 -18.20 -2.73
CA PHE A 323 -6.23 -19.02 -3.77
C PHE A 323 -7.55 -19.57 -3.26
N TYR A 324 -7.96 -19.14 -2.06
CA TYR A 324 -9.29 -19.43 -1.53
C TYR A 324 -9.54 -20.92 -1.28
N ASN A 325 -8.52 -21.70 -0.96
CA ASN A 325 -8.75 -23.10 -0.69
C ASN A 325 -8.19 -23.45 0.67
N GLY A 326 -7.74 -22.44 1.43
CA GLY A 326 -7.12 -22.65 2.72
C GLY A 326 -5.75 -23.35 2.68
N LYS A 327 -5.13 -23.48 1.48
CA LYS A 327 -3.82 -24.13 1.54
C LYS A 327 -2.76 -23.48 0.65
N ASP A 328 -3.22 -22.90 -0.46
CA ASP A 328 -2.42 -22.30 -1.53
C ASP A 328 -2.40 -20.77 -1.34
N PHE A 329 -1.25 -20.29 -0.87
CA PHE A 329 -1.00 -18.85 -0.64
C PHE A 329 0.33 -18.56 -1.29
N ARG A 330 0.41 -17.43 -2.01
CA ARG A 330 1.68 -17.16 -2.70
C ARG A 330 2.03 -15.66 -2.64
N ILE A 331 3.30 -15.39 -2.93
CA ILE A 331 3.74 -14.02 -3.24
C ILE A 331 4.37 -13.97 -4.63
N LYS A 332 4.08 -12.88 -5.36
CA LYS A 332 4.72 -12.59 -6.63
C LYS A 332 5.39 -11.23 -6.46
N GLN A 333 6.72 -11.28 -6.37
CA GLN A 333 7.48 -10.05 -6.22
C GLN A 333 8.73 -10.13 -7.07
N CYS A 334 9.06 -9.09 -7.81
CA CYS A 334 10.37 -9.03 -8.45
C CYS A 334 11.41 -8.48 -7.48
N THR A 335 11.86 -9.32 -6.52
CA THR A 335 12.56 -8.87 -5.34
C THR A 335 13.93 -8.39 -5.75
N THR A 336 14.31 -7.19 -5.27
CA THR A 336 15.69 -6.74 -5.34
C THR A 336 16.34 -6.96 -3.99
N VAL A 337 17.64 -7.30 -3.93
CA VAL A 337 18.27 -7.53 -2.64
C VAL A 337 18.66 -6.15 -2.07
N ASN A 338 17.84 -5.53 -1.20
CA ASN A 338 18.11 -4.29 -0.49
C ASN A 338 17.16 -4.22 0.68
N LEU A 339 17.34 -3.21 1.55
CA LEU A 339 16.57 -3.22 2.77
C LEU A 339 15.14 -2.79 2.45
N GLU A 340 15.02 -1.86 1.48
CA GLU A 340 13.71 -1.40 1.02
C GLU A 340 12.85 -2.60 0.64
N ASP A 341 13.38 -3.51 -0.16
CA ASP A 341 12.53 -4.66 -0.52
C ASP A 341 12.40 -5.68 0.64
N LEU A 342 13.38 -5.70 1.54
CA LEU A 342 13.22 -6.57 2.70
C LEU A 342 11.94 -6.18 3.43
N VAL A 343 11.76 -4.88 3.67
CA VAL A 343 10.54 -4.32 4.27
C VAL A 343 9.31 -4.69 3.42
N VAL A 344 9.39 -4.55 2.08
CA VAL A 344 8.25 -4.98 1.25
C VAL A 344 7.98 -6.48 1.43
N ALA A 345 9.06 -7.31 1.48
CA ALA A 345 8.80 -8.75 1.70
C ALA A 345 7.98 -8.96 2.98
N HIS A 346 8.33 -8.26 4.10
CA HIS A 346 7.58 -8.39 5.35
C HIS A 346 6.11 -7.98 5.13
N HIS A 347 5.93 -6.83 4.42
CA HIS A 347 4.63 -6.27 4.10
C HIS A 347 3.74 -7.36 3.51
N GLU A 348 4.27 -7.97 2.45
CA GLU A 348 3.54 -8.97 1.70
C GLU A 348 3.29 -10.20 2.57
N MET A 349 4.29 -10.63 3.36
CA MET A 349 4.14 -11.74 4.30
C MET A 349 3.02 -11.48 5.32
N GLY A 350 2.79 -10.21 5.70
CA GLY A 350 1.68 -9.89 6.59
C GLY A 350 0.33 -10.21 5.94
N HIS A 351 0.25 -9.98 4.62
CA HIS A 351 -0.99 -10.28 3.90
C HIS A 351 -1.13 -11.78 3.81
N ILE A 352 -0.01 -12.51 3.59
CA ILE A 352 -0.12 -13.99 3.67
C ILE A 352 -0.59 -14.45 5.07
N GLN A 353 -0.06 -13.84 6.13
CA GLN A 353 -0.41 -14.30 7.46
C GLN A 353 -1.89 -14.05 7.75
N TYR A 354 -2.43 -12.90 7.27
CA TYR A 354 -3.86 -12.63 7.45
C TYR A 354 -4.66 -13.70 6.67
N PHE A 355 -4.27 -14.02 5.43
CA PHE A 355 -5.02 -15.06 4.70
C PHE A 355 -5.05 -16.39 5.49
N MET A 356 -3.92 -16.72 6.12
CA MET A 356 -3.82 -18.00 6.81
C MET A 356 -4.62 -17.97 8.11
N GLN A 357 -4.69 -16.78 8.72
CA GLN A 357 -5.35 -16.63 10.01
C GLN A 357 -6.87 -16.70 9.84
N TYR A 358 -7.40 -16.24 8.69
CA TYR A 358 -8.86 -16.19 8.62
C TYR A 358 -9.36 -17.29 7.67
N LYS A 359 -8.49 -18.24 7.31
CA LYS A 359 -8.82 -19.24 6.29
C LYS A 359 -10.05 -20.06 6.67
N ASP A 360 -10.49 -20.12 7.93
CA ASP A 360 -11.66 -20.95 8.29
C ASP A 360 -12.96 -20.14 8.34
N LEU A 361 -12.89 -18.85 8.04
CA LEU A 361 -14.13 -18.12 8.00
C LEU A 361 -14.79 -18.38 6.65
N PRO A 362 -16.13 -18.22 6.58
CA PRO A 362 -16.81 -18.11 5.29
C PRO A 362 -16.03 -17.08 4.45
N VAL A 363 -15.83 -17.37 3.14
CA VAL A 363 -15.08 -16.51 2.20
C VAL A 363 -15.60 -15.08 2.18
N ALA A 364 -16.91 -14.84 2.42
CA ALA A 364 -17.40 -13.46 2.47
C ALA A 364 -16.76 -12.64 3.57
N LEU A 365 -16.26 -13.30 4.62
CA LEU A 365 -15.71 -12.59 5.79
C LEU A 365 -14.19 -12.74 5.84
N ARG A 366 -13.64 -13.21 4.72
CA ARG A 366 -12.19 -13.38 4.57
C ARG A 366 -11.53 -12.08 4.08
N GLU A 367 -11.57 -11.02 4.90
CA GLU A 367 -10.87 -9.78 4.58
C GLU A 367 -10.33 -9.27 5.91
N GLY A 368 -9.59 -8.15 5.87
CA GLY A 368 -9.13 -7.65 7.17
C GLY A 368 -10.27 -6.94 7.90
N ALA A 369 -10.08 -6.64 9.19
CA ALA A 369 -11.17 -5.96 9.92
C ALA A 369 -11.61 -4.72 9.13
N ASN A 370 -10.65 -3.98 8.55
CA ASN A 370 -10.91 -3.04 7.46
C ASN A 370 -9.64 -3.15 6.59
N PRO A 371 -9.55 -2.57 5.36
CA PRO A 371 -8.41 -2.83 4.48
C PRO A 371 -7.09 -2.36 5.07
N GLY A 372 -7.20 -1.31 5.90
CA GLY A 372 -6.06 -0.76 6.64
C GLY A 372 -5.42 -1.84 7.52
N PHE A 373 -6.24 -2.67 8.21
CA PHE A 373 -5.67 -3.72 9.03
C PHE A 373 -4.90 -4.74 8.20
N HIS A 374 -5.43 -5.15 7.05
CA HIS A 374 -4.62 -6.00 6.16
C HIS A 374 -3.26 -5.43 5.77
N GLU A 375 -3.19 -4.11 5.46
CA GLU A 375 -1.92 -3.50 5.09
C GLU A 375 -1.02 -3.41 6.36
N ALA A 376 -1.61 -3.31 7.57
CA ALA A 376 -0.79 -2.89 8.73
C ALA A 376 0.07 -4.05 9.28
N ILE A 377 -0.34 -5.32 9.08
CA ILE A 377 0.21 -6.43 9.86
C ILE A 377 1.73 -6.55 9.56
N GLY A 378 2.05 -6.71 8.27
CA GLY A 378 3.45 -6.87 7.83
C GLY A 378 4.33 -5.70 8.32
N ASP A 379 3.81 -4.48 8.21
CA ASP A 379 4.50 -3.24 8.55
C ASP A 379 4.84 -3.23 10.04
N VAL A 380 3.89 -3.73 10.88
CA VAL A 380 4.11 -3.75 12.32
C VAL A 380 5.39 -4.59 12.58
N LEU A 381 5.47 -5.81 12.04
CA LEU A 381 6.69 -6.58 12.20
C LEU A 381 7.91 -5.82 11.69
N ALA A 382 7.76 -5.26 10.50
CA ALA A 382 8.89 -4.62 9.81
C ALA A 382 9.36 -3.41 10.61
N LEU A 383 8.50 -2.82 11.47
CA LEU A 383 9.08 -1.78 12.34
C LEU A 383 10.12 -2.39 13.28
N SER A 384 9.86 -3.58 13.83
CA SER A 384 10.86 -4.21 14.72
C SER A 384 12.08 -4.67 13.90
N VAL A 385 11.87 -5.17 12.66
CA VAL A 385 12.94 -5.63 11.78
C VAL A 385 13.95 -4.50 11.55
N SER A 386 13.43 -3.26 11.35
CA SER A 386 14.21 -2.06 11.02
C SER A 386 15.06 -1.53 12.17
N THR A 387 14.72 -1.94 13.42
CA THR A 387 15.52 -1.40 14.52
C THR A 387 16.98 -1.78 14.32
N PRO A 388 17.91 -0.90 14.81
CA PRO A 388 19.32 -1.26 14.95
C PRO A 388 19.61 -2.58 15.66
N LYS A 389 18.84 -2.86 16.73
CA LYS A 389 18.96 -4.14 17.44
C LYS A 389 18.75 -5.31 16.49
N HIS A 390 17.69 -5.24 15.68
CA HIS A 390 17.46 -6.43 14.86
C HIS A 390 18.39 -6.41 13.64
N LEU A 391 18.65 -5.22 13.03
CA LEU A 391 19.48 -5.20 11.81
C LEU A 391 20.91 -5.64 12.18
N HIS A 392 21.37 -5.18 13.37
CA HIS A 392 22.63 -5.64 13.95
C HIS A 392 22.64 -7.17 13.96
N SER A 393 21.55 -7.80 14.42
CA SER A 393 21.52 -9.25 14.55
C SER A 393 21.59 -9.95 13.20
N LEU A 394 21.17 -9.26 12.12
CA LEU A 394 21.14 -9.92 10.84
C LEU A 394 22.46 -9.58 10.14
N ASN A 395 23.33 -8.87 10.84
CA ASN A 395 24.63 -8.46 10.32
C ASN A 395 24.58 -7.38 9.24
N LEU A 396 23.63 -6.44 9.37
CA LEU A 396 23.41 -5.41 8.36
C LEU A 396 23.73 -4.04 8.93
N LEU A 397 23.84 -3.91 10.27
CA LEU A 397 24.38 -2.73 10.97
C LEU A 397 25.48 -3.22 11.95
N SER A 398 26.30 -2.29 12.47
CA SER A 398 27.12 -2.44 13.68
C SER A 398 26.61 -1.52 14.79
N SER A 403 24.43 5.63 21.06
CA SER A 403 24.58 7.11 21.13
C SER A 403 23.25 7.80 20.79
N ASP A 404 23.05 9.00 21.36
CA ASP A 404 21.99 9.92 20.96
C ASP A 404 22.12 10.13 19.43
N GLU A 405 23.36 10.17 18.93
CA GLU A 405 23.54 10.52 17.53
C GLU A 405 22.91 9.45 16.64
N HIS A 406 23.29 8.18 16.87
CA HIS A 406 22.77 7.09 16.08
C HIS A 406 21.24 7.06 16.29
N ASP A 407 20.78 7.45 17.49
CA ASP A 407 19.36 7.34 17.74
C ASP A 407 18.54 8.25 16.80
N ILE A 408 18.93 9.52 16.74
CA ILE A 408 18.29 10.57 15.94
C ILE A 408 18.49 10.18 14.48
N ASN A 409 19.66 9.59 14.13
CA ASN A 409 19.79 9.14 12.76
C ASN A 409 18.75 8.05 12.43
N PHE A 410 18.62 7.03 13.28
CA PHE A 410 17.67 5.98 12.95
C PHE A 410 16.25 6.57 12.86
N LEU A 411 15.87 7.47 13.78
CA LEU A 411 14.53 8.05 13.73
C LEU A 411 14.40 8.82 12.40
N MET A 412 15.50 9.49 11.94
CA MET A 412 15.41 10.21 10.66
C MET A 412 15.12 9.19 9.54
N LYS A 413 15.92 8.13 9.51
CA LYS A 413 15.71 7.07 8.53
C LYS A 413 14.28 6.57 8.55
N MET A 414 13.66 6.39 9.74
CA MET A 414 12.29 5.90 9.80
C MET A 414 11.28 6.96 9.31
N ALA A 415 11.49 8.24 9.72
CA ALA A 415 10.62 9.35 9.36
C ALA A 415 10.59 9.58 7.83
N LEU A 416 11.74 9.42 7.13
CA LEU A 416 11.82 9.56 5.66
C LEU A 416 10.89 8.57 4.96
N ASP A 417 10.72 7.37 5.51
CA ASP A 417 9.72 6.40 5.01
C ASP A 417 8.32 6.68 5.61
N LYS A 418 8.16 6.66 6.92
CA LYS A 418 6.81 6.65 7.49
C LYS A 418 6.14 8.01 7.53
N ILE A 419 6.90 9.09 7.86
CA ILE A 419 6.22 10.40 7.96
C ILE A 419 5.93 10.95 6.55
N ALA A 420 6.92 10.81 5.65
CA ALA A 420 6.77 11.35 4.31
C ALA A 420 5.60 10.68 3.60
N PHE A 421 5.33 9.40 3.89
CA PHE A 421 4.27 8.78 3.12
C PHE A 421 2.89 9.21 3.66
N ILE A 422 2.79 9.88 4.81
CA ILE A 422 1.47 10.21 5.36
C ILE A 422 0.70 11.12 4.38
N PRO A 423 1.21 12.28 3.91
CA PRO A 423 0.43 13.07 2.98
C PRO A 423 0.25 12.35 1.63
N PHE A 424 1.28 11.65 1.08
CA PHE A 424 1.04 10.91 -0.16
C PHE A 424 -0.16 9.93 -0.03
N SER A 425 -0.17 9.12 1.05
CA SER A 425 -1.16 8.06 1.16
C SER A 425 -2.53 8.66 1.36
N TYR A 426 -2.53 9.85 1.96
CA TYR A 426 -3.77 10.58 2.18
C TYR A 426 -4.30 11.15 0.86
N LEU A 427 -3.42 11.67 -0.01
CA LEU A 427 -3.92 12.43 -1.15
C LEU A 427 -4.46 11.57 -2.30
N VAL A 428 -3.92 10.36 -2.47
CA VAL A 428 -4.27 9.56 -3.63
C VAL A 428 -5.79 9.41 -3.78
N ASP A 429 -6.48 8.98 -2.74
CA ASP A 429 -7.91 8.82 -2.88
C ASP A 429 -8.61 10.15 -2.62
N GLN A 430 -7.96 11.18 -2.02
CA GLN A 430 -8.71 12.45 -2.09
C GLN A 430 -8.98 12.83 -3.55
N TRP A 431 -7.96 12.65 -4.41
CA TRP A 431 -8.08 12.87 -5.84
C TRP A 431 -9.07 11.87 -6.45
N ARG A 432 -8.93 10.56 -6.22
CA ARG A 432 -9.84 9.62 -6.90
C ARG A 432 -11.27 9.78 -6.40
N TRP A 433 -11.51 10.10 -5.12
CA TRP A 433 -12.88 10.28 -4.65
C TRP A 433 -13.56 11.41 -5.41
N ARG A 434 -12.82 12.48 -5.73
CA ARG A 434 -13.34 13.62 -6.50
C ARG A 434 -13.46 13.32 -8.02
N VAL A 435 -12.57 12.46 -8.58
CA VAL A 435 -12.81 11.89 -9.90
C VAL A 435 -14.12 11.09 -9.92
N PHE A 436 -14.30 10.22 -8.90
CA PHE A 436 -15.49 9.37 -8.91
C PHE A 436 -16.76 10.17 -8.77
N ASP A 437 -16.70 11.21 -7.89
CA ASP A 437 -17.92 11.95 -7.61
C ASP A 437 -18.14 13.00 -8.69
N GLY A 438 -17.31 13.08 -9.74
CA GLY A 438 -17.60 14.02 -10.80
C GLY A 438 -17.05 15.44 -10.58
N SER A 439 -16.52 15.70 -9.38
N SER A 439 -16.48 15.78 -9.43
CA SER A 439 -15.87 16.96 -9.08
CA SER A 439 -15.96 17.14 -9.30
C SER A 439 -14.72 17.26 -10.05
C SER A 439 -14.56 17.33 -9.93
N ILE A 440 -13.88 16.26 -10.38
CA ILE A 440 -12.72 16.41 -11.25
C ILE A 440 -13.09 15.69 -12.54
N THR A 441 -12.91 16.27 -13.76
CA THR A 441 -13.27 15.56 -15.00
C THR A 441 -11.97 15.31 -15.72
N LYS A 442 -12.07 14.68 -16.93
CA LYS A 442 -10.90 14.43 -17.73
C LYS A 442 -10.32 15.76 -18.16
N GLU A 443 -11.11 16.86 -18.12
CA GLU A 443 -10.48 18.14 -18.48
C GLU A 443 -9.42 18.56 -17.44
N ASN A 444 -9.53 18.19 -16.16
CA ASN A 444 -8.59 18.66 -15.15
C ASN A 444 -8.07 17.57 -14.18
N TYR A 445 -8.10 16.31 -14.62
CA TYR A 445 -7.45 15.22 -13.91
C TYR A 445 -6.08 15.70 -13.40
N ASN A 446 -5.19 16.13 -14.34
CA ASN A 446 -3.77 16.22 -14.00
C ASN A 446 -3.56 17.47 -13.14
N GLN A 447 -4.31 18.54 -13.45
CA GLN A 447 -4.17 19.80 -12.71
C GLN A 447 -4.67 19.59 -11.27
N GLU A 448 -5.71 18.77 -11.09
CA GLU A 448 -6.18 18.61 -9.72
C GLU A 448 -5.23 17.68 -8.96
N TRP A 449 -4.62 16.74 -9.69
CA TRP A 449 -3.65 15.87 -9.04
C TRP A 449 -2.51 16.77 -8.52
N TRP A 450 -1.96 17.68 -9.32
CA TRP A 450 -0.88 18.52 -8.84
C TRP A 450 -1.32 19.53 -7.77
N SER A 451 -2.59 19.98 -7.78
N SER A 451 -2.58 19.97 -7.84
CA SER A 451 -3.02 20.81 -6.66
CA SER A 451 -3.15 20.75 -6.75
C SER A 451 -2.98 20.05 -5.34
C SER A 451 -2.99 20.05 -5.41
N LEU A 452 -3.28 18.73 -5.37
CA LEU A 452 -3.25 17.97 -4.12
C LEU A 452 -1.82 17.60 -3.73
N ARG A 453 -0.99 17.31 -4.74
CA ARG A 453 0.45 17.13 -4.55
C ARG A 453 1.06 18.33 -3.83
N LEU A 454 0.68 19.53 -4.26
CA LEU A 454 1.11 20.74 -3.61
C LEU A 454 0.51 20.88 -2.20
N LYS A 455 -0.80 20.73 -2.09
CA LYS A 455 -1.51 21.14 -0.91
C LYS A 455 -1.10 20.21 0.21
N TYR A 456 -1.03 18.89 -0.06
CA TYR A 456 -0.78 17.98 1.03
C TYR A 456 0.71 17.65 1.22
N GLN A 457 1.45 17.39 0.12
CA GLN A 457 2.85 16.98 0.24
C GLN A 457 3.81 18.17 0.07
N GLY A 458 3.38 19.33 -0.46
CA GLY A 458 4.34 20.43 -0.64
C GLY A 458 5.33 20.04 -1.72
N LEU A 459 4.82 19.36 -2.77
CA LEU A 459 5.73 19.10 -3.89
C LEU A 459 5.20 19.81 -5.11
N CYS A 460 6.13 20.04 -6.08
CA CYS A 460 5.77 20.64 -7.35
C CYS A 460 6.36 19.74 -8.44
N PRO A 461 5.80 19.74 -9.67
CA PRO A 461 6.37 18.90 -10.73
C PRO A 461 7.65 19.58 -11.16
N PRO A 462 8.74 18.87 -11.44
CA PRO A 462 9.94 19.56 -11.92
C PRO A 462 9.82 20.17 -13.31
N VAL A 463 8.88 19.67 -14.14
CA VAL A 463 8.65 20.18 -15.49
C VAL A 463 7.16 20.52 -15.53
N PRO A 464 6.75 21.65 -16.11
CA PRO A 464 5.31 21.97 -16.18
C PRO A 464 4.60 20.86 -16.96
N ARG A 465 3.42 20.47 -16.47
CA ARG A 465 2.69 19.42 -17.14
C ARG A 465 1.87 20.01 -18.30
N THR A 466 1.54 19.17 -19.31
CA THR A 466 0.84 19.67 -20.49
C THR A 466 -0.44 18.86 -20.66
N GLN A 467 -1.29 19.29 -21.58
CA GLN A 467 -2.50 18.54 -21.90
C GLN A 467 -2.10 17.15 -22.38
N GLY A 468 -2.91 16.13 -22.10
CA GLY A 468 -2.29 14.86 -22.50
C GLY A 468 -1.52 14.15 -21.37
N ASP A 469 -0.94 14.88 -20.40
CA ASP A 469 -0.29 14.24 -19.24
C ASP A 469 -1.36 13.65 -18.33
N PHE A 470 -1.05 12.46 -17.79
CA PHE A 470 -1.95 11.83 -16.86
C PHE A 470 -1.02 11.15 -15.83
N ASP A 471 -0.38 11.98 -15.03
CA ASP A 471 0.60 11.48 -14.06
C ASP A 471 0.00 10.44 -13.11
N PRO A 472 -1.28 10.51 -12.59
CA PRO A 472 -1.79 9.43 -11.74
C PRO A 472 -1.65 8.07 -12.38
N GLY A 473 -1.81 8.04 -13.71
CA GLY A 473 -1.70 6.77 -14.46
C GLY A 473 -0.35 6.08 -14.23
N ALA A 474 0.65 6.88 -13.84
CA ALA A 474 2.02 6.33 -13.67
C ALA A 474 2.24 5.77 -12.26
N LYS A 475 1.19 5.70 -11.44
CA LYS A 475 1.30 5.02 -10.15
C LYS A 475 0.41 3.78 -10.24
N PHE A 476 1.00 2.64 -9.89
CA PHE A 476 0.41 1.29 -9.99
C PHE A 476 -1.09 1.23 -9.65
N HIS A 477 -1.50 1.75 -8.48
CA HIS A 477 -2.88 1.54 -8.00
C HIS A 477 -3.93 2.22 -8.85
N ILE A 478 -3.51 3.21 -9.62
CA ILE A 478 -4.48 3.90 -10.44
C ILE A 478 -4.95 3.01 -11.60
N PRO A 479 -4.10 2.63 -12.57
CA PRO A 479 -4.51 1.67 -13.61
C PRO A 479 -5.02 0.35 -13.00
N SER A 480 -4.49 -0.07 -11.83
CA SER A 480 -4.91 -1.36 -11.30
C SER A 480 -6.21 -1.26 -10.53
N SER A 481 -6.71 -0.04 -10.30
CA SER A 481 -8.01 0.15 -9.62
C SER A 481 -7.97 -0.45 -8.20
N VAL A 482 -6.93 -0.14 -7.44
CA VAL A 482 -6.74 -0.64 -6.11
C VAL A 482 -6.88 0.56 -5.18
N PRO A 483 -7.82 0.52 -4.21
CA PRO A 483 -7.98 1.68 -3.32
C PRO A 483 -6.67 2.04 -2.58
N TYR A 484 -6.47 3.33 -2.19
CA TYR A 484 -5.17 3.71 -1.60
C TYR A 484 -5.34 4.22 -0.16
N ILE A 485 -6.57 4.65 0.26
CA ILE A 485 -6.72 5.19 1.61
C ILE A 485 -6.35 4.12 2.67
N ARG A 486 -6.51 2.81 2.35
CA ARG A 486 -6.00 1.73 3.18
C ARG A 486 -4.57 2.01 3.70
N TYR A 487 -3.71 2.67 2.89
CA TYR A 487 -2.31 2.83 3.25
C TYR A 487 -2.17 3.92 4.32
N PHE A 488 -2.98 4.96 4.21
CA PHE A 488 -3.03 6.00 5.23
C PHE A 488 -3.51 5.42 6.53
N VAL A 489 -4.60 4.63 6.44
CA VAL A 489 -5.14 4.01 7.66
C VAL A 489 -4.02 3.12 8.25
N SER A 490 -3.37 2.33 7.38
CA SER A 490 -2.28 1.46 7.79
C SER A 490 -1.19 2.21 8.55
N PHE A 491 -0.70 3.33 8.00
CA PHE A 491 0.42 4.03 8.57
C PHE A 491 0.04 4.53 9.98
N ILE A 492 -1.18 4.99 10.21
CA ILE A 492 -1.58 5.43 11.57
C ILE A 492 -1.64 4.21 12.49
N ILE A 493 -2.43 3.20 12.09
CA ILE A 493 -2.77 2.16 13.03
C ILE A 493 -1.57 1.27 13.30
N GLN A 494 -0.62 1.16 12.35
CA GLN A 494 0.48 0.24 12.63
C GLN A 494 1.30 0.71 13.84
N PHE A 495 1.37 2.06 14.07
CA PHE A 495 2.10 2.58 15.21
C PHE A 495 1.31 2.24 16.48
N GLN A 496 -0.03 2.44 16.44
CA GLN A 496 -0.90 1.98 17.54
C GLN A 496 -0.67 0.52 17.86
N PHE A 497 -0.56 -0.33 16.82
CA PHE A 497 -0.32 -1.75 17.04
C PHE A 497 1.09 -1.93 17.62
N HIS A 498 2.14 -1.33 17.05
CA HIS A 498 3.48 -1.48 17.62
C HIS A 498 3.48 -1.07 19.12
N GLU A 499 2.93 0.09 19.46
CA GLU A 499 2.81 0.58 20.84
C GLU A 499 2.14 -0.46 21.77
N ALA A 500 0.99 -1.00 21.37
CA ALA A 500 0.30 -2.00 22.19
C ALA A 500 1.08 -3.31 22.24
N LEU A 501 1.64 -3.75 21.10
CA LEU A 501 2.43 -4.96 21.12
C LEU A 501 3.64 -4.83 22.05
N CYS A 502 4.30 -3.65 21.98
CA CYS A 502 5.52 -3.40 22.74
C CYS A 502 5.17 -3.42 24.22
N GLN A 503 4.04 -2.82 24.59
CA GLN A 503 3.50 -2.94 25.95
C GLN A 503 3.19 -4.40 26.31
N ALA A 504 2.41 -5.13 25.52
CA ALA A 504 2.25 -6.57 25.71
C ALA A 504 3.58 -7.30 25.91
N ALA A 505 4.64 -6.94 25.16
CA ALA A 505 5.93 -7.61 25.29
C ALA A 505 6.72 -7.19 26.55
N GLY A 506 6.23 -6.27 27.39
CA GLY A 506 7.02 -5.78 28.51
C GLY A 506 8.15 -4.83 28.11
N HIS A 507 8.14 -4.20 26.90
CA HIS A 507 9.15 -3.20 26.54
C HIS A 507 8.99 -1.96 27.45
N THR A 508 10.10 -1.39 27.94
CA THR A 508 9.97 -0.08 28.57
C THR A 508 10.97 0.85 27.89
N GLY A 509 10.77 2.14 28.16
CA GLY A 509 11.65 3.16 27.61
C GLY A 509 11.06 3.63 26.29
N PRO A 510 11.78 4.37 25.44
CA PRO A 510 11.15 4.95 24.24
C PRO A 510 10.58 3.88 23.29
N LEU A 511 9.40 4.25 22.73
CA LEU A 511 8.68 3.33 21.85
C LEU A 511 9.55 2.95 20.64
N HIS A 512 10.41 3.87 20.21
CA HIS A 512 11.15 3.59 18.99
C HIS A 512 12.25 2.55 19.19
N LYS A 513 12.59 2.23 20.46
CA LYS A 513 13.65 1.25 20.71
C LYS A 513 13.01 -0.13 20.84
N CYS A 514 11.66 -0.22 20.77
CA CYS A 514 11.06 -1.54 20.95
C CYS A 514 11.29 -2.48 19.79
N ASP A 515 11.57 -3.76 20.12
CA ASP A 515 11.66 -4.82 19.11
C ASP A 515 10.87 -6.02 19.63
N ILE A 516 9.79 -6.45 18.95
CA ILE A 516 8.89 -7.46 19.52
C ILE A 516 9.32 -8.86 19.07
N TYR A 517 10.50 -8.97 18.44
CA TYR A 517 10.92 -10.28 17.98
C TYR A 517 10.81 -11.29 19.12
N GLN A 518 10.23 -12.45 18.81
CA GLN A 518 10.05 -13.61 19.68
C GLN A 518 8.98 -13.43 20.73
N SER A 519 8.27 -12.30 20.71
CA SER A 519 7.28 -12.10 21.75
C SER A 519 5.96 -12.85 21.49
N LYS A 520 5.69 -13.89 22.32
CA LYS A 520 4.49 -14.71 22.13
C LYS A 520 3.27 -13.88 22.56
N GLU A 521 3.48 -12.89 23.46
CA GLU A 521 2.40 -12.05 23.90
C GLU A 521 1.96 -11.18 22.71
N ALA A 522 2.95 -10.69 21.94
CA ALA A 522 2.57 -9.78 20.85
C ALA A 522 1.85 -10.61 19.81
N GLY A 523 2.42 -11.76 19.49
CA GLY A 523 1.80 -12.65 18.53
C GLY A 523 0.33 -12.95 18.87
N GLN A 524 0.03 -13.26 20.14
CA GLN A 524 -1.34 -13.70 20.43
C GLN A 524 -2.34 -12.57 20.21
N ARG A 525 -1.96 -11.35 20.60
CA ARG A 525 -2.79 -10.19 20.32
C ARG A 525 -3.11 -10.11 18.82
N LEU A 526 -2.08 -10.26 17.97
CA LEU A 526 -2.27 -10.10 16.53
C LEU A 526 -3.16 -11.23 16.01
N ALA A 527 -2.89 -12.46 16.47
CA ALA A 527 -3.58 -13.65 15.95
C ALA A 527 -5.08 -13.56 16.26
N THR A 528 -5.43 -13.07 17.45
CA THR A 528 -6.83 -13.12 17.81
C THR A 528 -7.58 -12.11 16.97
N ALA A 529 -6.96 -10.94 16.73
CA ALA A 529 -7.51 -9.91 15.85
C ALA A 529 -7.68 -10.44 14.43
N MET A 530 -6.62 -11.07 13.89
CA MET A 530 -6.70 -11.46 12.51
C MET A 530 -7.77 -12.54 12.30
N LYS A 531 -7.88 -13.46 13.27
CA LYS A 531 -8.86 -14.55 13.22
C LYS A 531 -10.28 -14.04 13.07
N LEU A 532 -10.60 -12.80 13.49
CA LEU A 532 -11.89 -12.14 13.30
C LEU A 532 -12.22 -11.94 11.82
N GLY A 533 -11.19 -11.92 10.94
CA GLY A 533 -11.38 -11.46 9.56
C GLY A 533 -12.27 -10.21 9.51
N PHE A 534 -13.35 -10.28 8.71
CA PHE A 534 -14.30 -9.20 8.57
C PHE A 534 -15.61 -9.59 9.29
N SER A 535 -15.53 -10.49 10.27
CA SER A 535 -16.72 -10.96 10.97
C SER A 535 -17.33 -9.89 11.87
N ARG A 536 -16.55 -8.91 12.38
CA ARG A 536 -17.20 -7.89 13.24
C ARG A 536 -16.74 -6.48 12.87
N PRO A 537 -17.44 -5.37 13.23
CA PRO A 537 -16.93 -4.01 12.96
C PRO A 537 -15.45 -3.92 13.40
N TRP A 538 -14.63 -3.13 12.66
CA TRP A 538 -13.19 -3.09 12.93
C TRP A 538 -12.84 -2.53 14.34
N PRO A 539 -13.65 -1.66 15.01
CA PRO A 539 -13.35 -1.26 16.40
C PRO A 539 -13.04 -2.40 17.38
N GLU A 540 -13.72 -3.57 17.23
CA GLU A 540 -13.48 -4.71 18.10
C GLU A 540 -12.07 -5.23 17.86
N ALA A 541 -11.69 -5.37 16.57
CA ALA A 541 -10.31 -5.78 16.36
C ALA A 541 -9.33 -4.71 16.87
N MET A 542 -9.63 -3.42 16.67
CA MET A 542 -8.81 -2.36 17.26
C MET A 542 -8.72 -2.54 18.79
N GLN A 543 -9.88 -2.80 19.45
CA GLN A 543 -9.90 -2.90 20.91
C GLN A 543 -9.12 -4.14 21.37
N LEU A 544 -9.26 -5.27 20.64
CA LEU A 544 -8.49 -6.47 20.99
C LEU A 544 -6.98 -6.20 20.98
N ILE A 545 -6.46 -5.47 19.98
CA ILE A 545 -5.02 -5.29 19.92
C ILE A 545 -4.60 -4.22 20.94
N THR A 546 -5.31 -3.10 21.01
CA THR A 546 -4.80 -1.88 21.64
C THR A 546 -5.50 -1.56 22.97
N GLY A 547 -6.57 -2.28 23.37
CA GLY A 547 -7.33 -1.85 24.54
C GLY A 547 -8.24 -0.64 24.35
N GLN A 548 -8.34 -0.08 23.14
CA GLN A 548 -9.31 0.98 22.93
C GLN A 548 -9.78 0.86 21.47
N PRO A 549 -10.89 1.53 21.06
CA PRO A 549 -11.49 1.25 19.73
C PRO A 549 -11.22 2.23 18.60
N GLN A 550 -10.52 3.32 18.85
CA GLN A 550 -10.40 4.38 17.86
C GLN A 550 -9.06 4.26 17.11
N MET A 551 -8.97 4.93 15.95
CA MET A 551 -7.70 5.19 15.32
C MET A 551 -7.16 6.43 16.02
N SER A 552 -5.84 6.58 16.11
CA SER A 552 -5.26 7.68 16.88
C SER A 552 -3.82 7.83 16.42
N ALA A 553 -3.40 9.07 16.19
CA ALA A 553 -2.06 9.39 15.76
C ALA A 553 -1.12 9.45 16.97
N SER A 554 -1.67 9.32 18.19
CA SER A 554 -0.82 9.57 19.36
C SER A 554 0.35 8.57 19.43
N ALA A 555 0.19 7.29 19.02
CA ALA A 555 1.29 6.35 19.04
C ALA A 555 2.35 6.72 18.02
N MET A 556 1.94 7.12 16.80
CA MET A 556 2.97 7.54 15.84
C MET A 556 3.71 8.76 16.39
N LEU A 557 3.01 9.72 17.04
CA LEU A 557 3.63 10.94 17.56
C LEU A 557 4.64 10.61 18.67
N SER A 558 4.23 9.70 19.54
N SER A 558 4.20 9.71 19.56
CA SER A 558 5.08 9.21 20.62
CA SER A 558 5.02 9.12 20.62
C SER A 558 6.35 8.55 20.07
C SER A 558 6.32 8.57 20.05
N TYR A 559 6.19 7.63 19.10
CA TYR A 559 7.35 7.06 18.43
C TYR A 559 8.33 8.15 17.94
N PHE A 560 7.84 9.23 17.31
CA PHE A 560 8.70 10.22 16.62
C PHE A 560 9.08 11.43 17.49
N LYS A 561 8.52 11.49 18.70
CA LYS A 561 8.65 12.62 19.58
C LYS A 561 10.09 13.10 19.68
N PRO A 562 11.14 12.30 19.93
CA PRO A 562 12.49 12.85 20.05
C PRO A 562 12.94 13.45 18.72
N LEU A 563 12.45 12.89 17.60
CA LEU A 563 12.76 13.49 16.30
C LEU A 563 12.05 14.81 16.10
N LEU A 564 10.78 14.91 16.52
CA LEU A 564 10.07 16.18 16.44
C LEU A 564 10.82 17.28 17.22
N ASP A 565 11.33 16.97 18.42
CA ASP A 565 12.06 17.95 19.20
C ASP A 565 13.34 18.34 18.45
N TRP A 566 14.06 17.35 17.92
CA TRP A 566 15.32 17.61 17.22
C TRP A 566 15.11 18.51 15.97
N LEU A 567 14.10 18.21 15.15
CA LEU A 567 13.71 18.91 13.92
C LEU A 567 13.35 20.37 14.21
N ARG A 568 12.59 20.60 15.31
CA ARG A 568 12.22 21.98 15.64
C ARG A 568 13.43 22.77 16.08
N THR A 569 14.29 22.19 16.96
CA THR A 569 15.51 22.88 17.32
C THR A 569 16.28 23.15 16.02
N GLU A 570 16.43 22.15 15.13
CA GLU A 570 17.31 22.29 13.95
C GLU A 570 16.74 23.32 12.96
N ASN A 571 15.44 23.25 12.73
CA ASN A 571 14.78 24.10 11.75
C ASN A 571 14.71 25.54 12.30
N GLU A 572 14.47 25.67 13.63
N GLU A 572 14.52 25.71 13.62
CA GLU A 572 14.48 26.97 14.31
CA GLU A 572 14.49 27.08 14.18
C GLU A 572 15.83 27.69 14.12
C GLU A 572 15.87 27.73 14.14
N LEU A 573 16.95 26.98 14.32
CA LEU A 573 18.25 27.62 14.25
C LEU A 573 18.60 28.04 12.82
N HIS A 574 17.96 27.39 11.83
CA HIS A 574 18.14 27.70 10.41
C HIS A 574 17.14 28.74 9.94
N GLY A 575 16.18 29.17 10.80
CA GLY A 575 15.13 30.11 10.37
C GLY A 575 14.14 29.59 9.33
N GLU A 576 13.96 28.26 9.25
CA GLU A 576 13.07 27.76 8.22
C GLU A 576 11.65 28.31 8.42
N LYS A 577 11.02 28.64 7.29
CA LYS A 577 9.61 29.02 7.33
C LYS A 577 8.89 27.72 6.94
N LEU A 578 8.23 27.06 7.88
CA LEU A 578 7.56 25.78 7.56
C LEU A 578 6.45 25.98 6.54
N GLY A 579 6.18 24.96 5.71
CA GLY A 579 5.07 25.11 4.81
C GLY A 579 5.59 25.72 3.51
N TRP A 580 4.67 26.12 2.67
CA TRP A 580 5.06 26.66 1.38
C TRP A 580 4.17 27.88 1.01
#